data_6DEM
#
_entry.id   6DEM
#
_cell.length_a   175.414
_cell.length_b   175.414
_cell.length_c   177.527
_cell.angle_alpha   90.00
_cell.angle_beta   90.00
_cell.angle_gamma   120.00
#
_symmetry.space_group_name_H-M   'P 62 2 2'
#
loop_
_entity.id
_entity.type
_entity.pdbx_description
1 polymer 'Acetolactate synthase'
2 non-polymer 'FLAVIN-ADENINE DINUCLEOTIDE'
3 non-polymer 'POTASSIUM ION'
4 non-polymer 'MAGNESIUM ION'
5 non-polymer '(3Z)-4-{[(4-AMINO-2-METHYLPYRIMIDIN-5-YL)METHYL]AMINO}-3-MERCAPTOPENT-3-EN-1-YL TRIHYDROGEN DIPHOSPHATE'
6 non-polymer 'methyl 2-[(4,6-dimethoxypyrimidin-2-yl)carbamoylsulfamoylmethyl]benzoate'
7 water water
#
_entity_poly.entity_id   1
_entity_poly.type   'polypeptide(L)'
_entity_poly.pdbx_seq_one_letter_code
;MHHHHHHSSGLVPRGSGMKETAAAKFERQHMDSPDLGTDDDDKAMAFNTADTSTQPIINDPTLNKHQSSAISRKKKEQLM
DDSFIGLTGGEIFHEMMLRHKVDTVFGYAGGAILPVFDAIYNSDKFKFVLPRHEQGAGHMAEGYARASGKPGVVLVTSGP
GATNVITPMADALMDGVPLVVFSGQVPTTAIGTDAFQEADIVGISRSCTKWNVMVKNVAELPRRINEAFEIATTGRPGPV
LVDLPKDVTASILRESIPINTTLPSNALSQITKKAVSEFTSEAIKRAANILNKAKKPIIYAGAGILNNEQGPKLLKELAD
KANIPVTTTLQGLGAFDQRDPKSLDMLGMHGSAAANTAIQNADCIIALGARFDDRVTGNISKFAPEAKLAASEGRGGILH
FEISPKNINKVVEATEAIEGDVTANLQSFIPLVDSIENRPEWFNKINEWKKKYPYSYQLETPGSLIKPQTLIKEISDQAQ
TYNKEVIVTTGVGQHQMWAAQHFTWTQPRTMITSGGLGTMGYGLPAAIGAQVAKPDAIVIDIDGDASFNMTLTELSSAVQ
AGAPIKVCVLNNEEQGMVTQWQSLFYEHRYSHTHQSNPDFMKLAESMNVKGIRITNQQELKSGVKEFLDATEPVLLEVIV
EKKVPVLPMVPAGKALDDFILWDAEVEKQQNDLRKERTGGKY
;
_entity_poly.pdbx_strand_id   A
#
# COMPACT_ATOMS: atom_id res chain seq x y z
N LYS A 76 3.38 -44.77 14.21
CA LYS A 76 3.59 -43.79 15.28
C LYS A 76 4.94 -43.12 15.15
N GLU A 77 5.98 -43.92 14.94
CA GLU A 77 7.30 -43.38 14.65
C GLU A 77 7.28 -42.61 13.33
N GLN A 78 6.37 -43.01 12.44
CA GLN A 78 6.23 -42.34 11.14
C GLN A 78 5.55 -40.98 11.28
N LEU A 79 4.79 -40.79 12.35
CA LEU A 79 4.03 -39.56 12.55
C LEU A 79 4.71 -38.59 13.52
N MET A 80 5.71 -39.06 14.26
CA MET A 80 6.47 -38.20 15.15
C MET A 80 7.83 -37.89 14.56
N ASP A 81 8.42 -36.76 14.97
CA ASP A 81 9.71 -36.36 14.45
C ASP A 81 10.68 -36.04 15.58
N ASP A 82 11.88 -36.60 15.52
CA ASP A 82 12.87 -36.40 16.56
C ASP A 82 14.01 -35.48 16.09
N SER A 83 13.90 -34.98 14.86
CA SER A 83 15.05 -34.30 14.26
C SER A 83 15.37 -32.95 14.92
N PHE A 84 14.46 -32.37 15.70
CA PHE A 84 14.73 -31.09 16.35
C PHE A 84 15.21 -31.29 17.80
N ILE A 85 15.23 -32.52 18.28
CA ILE A 85 15.62 -32.78 19.66
C ILE A 85 17.07 -32.34 19.85
N GLY A 86 17.33 -31.57 20.90
CA GLY A 86 18.66 -31.09 21.16
C GLY A 86 18.90 -29.66 20.69
N LEU A 87 18.00 -29.13 19.86
CA LEU A 87 18.10 -27.73 19.42
C LEU A 87 17.44 -26.78 20.42
N THR A 88 17.97 -25.56 20.52
CA THR A 88 17.31 -24.50 21.28
C THR A 88 16.10 -23.98 20.49
N GLY A 89 15.18 -23.31 21.16
CA GLY A 89 14.11 -22.64 20.48
C GLY A 89 14.62 -21.70 19.39
N GLY A 90 15.70 -20.97 19.68
CA GLY A 90 16.29 -20.09 18.67
C GLY A 90 16.73 -20.84 17.41
N GLU A 91 17.43 -21.95 17.59
CA GLU A 91 17.84 -22.81 16.49
C GLU A 91 16.66 -23.38 15.71
N ILE A 92 15.59 -23.72 16.43
CA ILE A 92 14.38 -24.22 15.78
C ILE A 92 13.75 -23.09 14.94
N PHE A 93 13.72 -21.87 15.49
CA PHE A 93 13.24 -20.71 14.75
C PHE A 93 13.98 -20.58 13.42
N HIS A 94 15.31 -20.65 13.51
CA HIS A 94 16.17 -20.49 12.35
CA HIS A 94 16.15 -20.49 12.34
C HIS A 94 15.83 -21.54 11.28
N GLU A 95 15.75 -22.80 11.71
CA GLU A 95 15.40 -23.87 10.77
C GLU A 95 13.99 -23.69 10.15
N MET A 96 13.01 -23.27 10.95
CA MET A 96 11.69 -22.99 10.40
C MET A 96 11.68 -21.80 9.41
N MET A 97 12.50 -20.76 9.62
CA MET A 97 12.59 -19.70 8.62
C MET A 97 13.00 -20.29 7.25
N LEU A 98 13.97 -21.18 7.29
CA LEU A 98 14.46 -21.82 6.08
C LEU A 98 13.35 -22.66 5.43
N ARG A 99 12.62 -23.42 6.24
CA ARG A 99 11.56 -24.28 5.69
C ARG A 99 10.43 -23.44 5.11
N HIS A 100 10.27 -22.21 5.60
CA HIS A 100 9.24 -21.33 5.05
C HIS A 100 9.78 -20.47 3.90
N LYS A 101 11.01 -20.78 3.45
CA LYS A 101 11.64 -20.07 2.33
C LYS A 101 11.73 -18.56 2.57
N VAL A 102 12.01 -18.19 3.81
CA VAL A 102 12.26 -16.79 4.15
C VAL A 102 13.65 -16.43 3.62
N ASP A 103 13.76 -15.42 2.78
CA ASP A 103 15.10 -15.06 2.30
C ASP A 103 15.57 -13.72 2.89
N THR A 104 14.70 -13.08 3.66
CA THR A 104 15.00 -11.77 4.24
C THR A 104 14.30 -11.62 5.58
N VAL A 105 15.03 -11.13 6.58
CA VAL A 105 14.45 -10.80 7.88
C VAL A 105 14.82 -9.35 8.22
N PHE A 106 13.85 -8.56 8.67
CA PHE A 106 14.06 -7.19 9.09
C PHE A 106 13.98 -7.15 10.61
N GLY A 107 14.99 -6.67 11.29
CA GLY A 107 14.89 -6.68 12.75
C GLY A 107 15.97 -5.95 13.51
N TYR A 108 15.91 -6.05 14.83
CA TYR A 108 16.75 -5.22 15.71
C TYR A 108 16.87 -6.00 17.04
N ALA A 109 18.08 -6.11 17.58
CA ALA A 109 18.32 -6.98 18.74
C ALA A 109 17.90 -6.35 20.06
N GLY A 110 17.98 -7.14 21.14
CA GLY A 110 17.70 -6.67 22.48
C GLY A 110 17.82 -7.86 23.45
N GLY A 111 17.78 -7.62 24.75
CA GLY A 111 18.03 -8.68 25.74
C GLY A 111 17.11 -9.91 25.59
N ALA A 112 15.81 -9.70 25.43
CA ALA A 112 14.88 -10.83 25.49
C ALA A 112 14.94 -11.74 24.28
N ILE A 113 15.42 -11.21 23.15
CA ILE A 113 15.46 -11.94 21.88
C ILE A 113 16.89 -12.44 21.57
N LEU A 114 17.82 -12.23 22.49
CA LEU A 114 19.21 -12.71 22.31
C LEU A 114 19.38 -14.19 21.93
N PRO A 115 18.59 -15.11 22.53
CA PRO A 115 18.77 -16.53 22.14
C PRO A 115 18.45 -16.78 20.66
N VAL A 116 17.54 -16.00 20.09
CA VAL A 116 17.24 -16.13 18.67
C VAL A 116 18.33 -15.45 17.82
N PHE A 117 18.78 -14.27 18.25
CA PHE A 117 19.89 -13.63 17.52
C PHE A 117 21.14 -14.50 17.57
N ASP A 118 21.38 -15.21 18.68
CA ASP A 118 22.55 -16.06 18.72
C ASP A 118 22.41 -17.22 17.72
N ALA A 119 21.19 -17.73 17.57
CA ALA A 119 20.97 -18.84 16.65
C ALA A 119 21.12 -18.41 15.18
N ILE A 120 20.73 -17.17 14.83
CA ILE A 120 20.83 -16.75 13.44
C ILE A 120 22.19 -16.05 13.15
N TYR A 121 23.08 -16.03 14.13
CA TYR A 121 24.40 -15.41 13.96
C TYR A 121 25.16 -15.90 12.71
N ASN A 122 25.52 -14.97 11.82
CA ASN A 122 26.21 -15.31 10.57
C ASN A 122 25.50 -16.33 9.70
N SER A 123 24.18 -16.36 9.75
CA SER A 123 23.43 -17.27 8.90
C SER A 123 23.66 -16.90 7.44
N ASP A 124 23.88 -17.88 6.59
CA ASP A 124 23.89 -17.60 5.16
C ASP A 124 22.57 -18.00 4.50
N LYS A 125 21.55 -18.30 5.31
CA LYS A 125 20.27 -18.79 4.81
C LYS A 125 19.31 -17.66 4.42
N PHE A 126 19.53 -16.46 4.96
CA PHE A 126 18.72 -15.30 4.55
C PHE A 126 19.51 -14.04 4.78
N LYS A 127 19.06 -12.96 4.17
CA LYS A 127 19.64 -11.65 4.34
C LYS A 127 19.00 -11.02 5.56
N PHE A 128 19.79 -10.42 6.43
CA PHE A 128 19.23 -9.72 7.59
C PHE A 128 19.37 -8.23 7.32
N VAL A 129 18.30 -7.49 7.54
CA VAL A 129 18.31 -6.04 7.32
C VAL A 129 18.09 -5.31 8.64
N LEU A 130 19.05 -4.47 9.00
CA LEU A 130 19.02 -3.74 10.26
C LEU A 130 18.59 -2.30 10.03
N PRO A 131 17.45 -1.88 10.58
CA PRO A 131 16.98 -0.49 10.46
C PRO A 131 17.65 0.37 11.57
N ARG A 132 17.19 1.59 11.79
CA ARG A 132 17.66 2.40 12.91
C ARG A 132 16.60 2.39 14.00
N HIS A 133 15.39 1.97 13.65
CA HIS A 133 14.22 2.02 14.56
C HIS A 133 13.31 0.85 14.19
N GLU A 134 12.66 0.20 15.14
CA GLU A 134 11.82 -0.97 14.79
C GLU A 134 10.62 -0.59 13.89
N GLN A 135 10.14 0.64 13.98
CA GLN A 135 9.11 1.09 13.04
C GLN A 135 9.63 0.97 11.61
N GLY A 136 10.89 1.34 11.44
CA GLY A 136 11.58 1.16 10.17
C GLY A 136 11.56 -0.30 9.71
N ALA A 137 11.95 -1.22 10.58
CA ALA A 137 11.86 -2.66 10.25
C ALA A 137 10.45 -3.04 9.80
N GLY A 138 9.45 -2.59 10.54
CA GLY A 138 8.08 -2.89 10.18
C GLY A 138 7.68 -2.40 8.79
N HIS A 139 7.93 -1.13 8.48
CA HIS A 139 7.55 -0.59 7.17
C HIS A 139 8.40 -1.15 6.06
N MET A 140 9.65 -1.48 6.38
CA MET A 140 10.50 -2.14 5.38
C MET A 140 9.92 -3.49 5.02
N ALA A 141 9.51 -4.25 6.04
CA ALA A 141 8.93 -5.55 5.79
C ALA A 141 7.64 -5.43 4.98
N GLU A 142 6.87 -4.38 5.25
CA GLU A 142 5.69 -4.11 4.42
C GLU A 142 6.04 -3.84 2.96
N GLY A 143 7.03 -2.98 2.73
CA GLY A 143 7.45 -2.68 1.37
C GLY A 143 7.94 -3.93 0.66
N TYR A 144 8.71 -4.74 1.38
CA TYR A 144 9.19 -6.03 0.89
C TYR A 144 8.03 -6.93 0.47
N ALA A 145 7.04 -7.05 1.34
CA ALA A 145 5.90 -7.92 1.09
C ALA A 145 5.08 -7.44 -0.11
N ARG A 146 4.88 -6.13 -0.22
CA ARG A 146 4.08 -5.63 -1.32
C ARG A 146 4.81 -5.72 -2.65
N ALA A 147 6.13 -5.59 -2.62
CA ALA A 147 6.90 -5.74 -3.86
C ALA A 147 7.01 -7.20 -4.31
N SER A 148 7.08 -8.13 -3.35
CA SER A 148 7.47 -9.51 -3.66
C SER A 148 6.32 -10.50 -3.69
N GLY A 149 5.21 -10.16 -3.03
CA GLY A 149 4.16 -11.13 -2.81
C GLY A 149 4.45 -12.18 -1.74
N LYS A 150 5.57 -12.04 -1.02
CA LYS A 150 5.93 -12.95 0.09
C LYS A 150 5.67 -12.27 1.43
N PRO A 151 5.48 -13.03 2.52
CA PRO A 151 5.32 -12.33 3.80
C PRO A 151 6.59 -11.58 4.24
N GLY A 152 6.40 -10.42 4.85
CA GLY A 152 7.52 -9.66 5.41
C GLY A 152 7.79 -10.13 6.85
N VAL A 153 9.02 -10.55 7.13
CA VAL A 153 9.32 -11.13 8.44
C VAL A 153 10.13 -10.13 9.29
N VAL A 154 9.64 -9.89 10.51
CA VAL A 154 10.18 -8.91 11.45
C VAL A 154 10.61 -9.63 12.72
N LEU A 155 11.77 -9.27 13.25
CA LEU A 155 12.29 -9.90 14.47
C LEU A 155 12.77 -8.82 15.42
N VAL A 156 12.09 -8.61 16.54
CA VAL A 156 12.43 -7.51 17.44
C VAL A 156 12.47 -8.01 18.88
N THR A 157 12.94 -7.16 19.80
CA THR A 157 13.03 -7.58 21.19
C THR A 157 11.73 -7.25 21.91
N SER A 158 11.68 -7.55 23.20
CA SER A 158 10.51 -7.28 24.02
C SER A 158 10.29 -5.79 24.31
N GLY A 159 9.20 -5.49 25.00
CA GLY A 159 9.00 -4.13 25.50
C GLY A 159 8.94 -3.09 24.38
N PRO A 160 9.87 -2.13 24.39
CA PRO A 160 9.77 -1.04 23.40
C PRO A 160 10.11 -1.52 21.98
N GLY A 161 10.85 -2.62 21.84
CA GLY A 161 11.16 -3.11 20.51
C GLY A 161 9.84 -3.57 19.90
N ALA A 162 8.97 -4.14 20.73
CA ALA A 162 7.68 -4.68 20.29
C ALA A 162 6.65 -3.58 20.10
N THR A 163 6.55 -2.66 21.06
CA THR A 163 5.57 -1.58 20.92
C THR A 163 5.90 -0.67 19.72
N ASN A 164 7.18 -0.58 19.38
CA ASN A 164 7.57 0.21 18.22
C ASN A 164 7.09 -0.37 16.87
N VAL A 165 6.61 -1.60 16.86
CA VAL A 165 6.10 -2.21 15.61
C VAL A 165 4.57 -2.08 15.50
N ILE A 166 3.94 -1.45 16.49
CA ILE A 166 2.48 -1.34 16.48
C ILE A 166 1.94 -0.55 15.27
N THR A 167 2.53 0.58 14.93
CA THR A 167 2.04 1.35 13.80
C THR A 167 2.17 0.53 12.49
N PRO A 168 3.35 -0.08 12.23
CA PRO A 168 3.42 -0.92 11.03
C PRO A 168 2.43 -2.11 11.03
N MET A 169 2.14 -2.70 12.18
CA MET A 169 1.13 -3.75 12.22
C MET A 169 -0.27 -3.20 11.89
N ALA A 170 -0.66 -2.08 12.46
CA ALA A 170 -1.98 -1.50 12.18
C ALA A 170 -2.04 -1.10 10.69
N ASP A 171 -0.90 -0.64 10.17
CA ASP A 171 -0.80 -0.27 8.78
C ASP A 171 -1.05 -1.48 7.89
N ALA A 172 -0.35 -2.58 8.18
CA ALA A 172 -0.45 -3.82 7.40
C ALA A 172 -1.85 -4.42 7.45
N LEU A 173 -2.49 -4.32 8.60
CA LEU A 173 -3.85 -4.82 8.74
C LEU A 173 -4.82 -4.04 7.81
N MET A 174 -4.74 -2.71 7.82
CA MET A 174 -5.64 -1.88 7.02
C MET A 174 -5.41 -2.07 5.52
N ASP A 175 -4.16 -2.36 5.13
CA ASP A 175 -3.84 -2.48 3.70
C ASP A 175 -3.67 -3.93 3.24
N GLY A 176 -3.94 -4.89 4.11
CA GLY A 176 -3.93 -6.29 3.72
C GLY A 176 -2.56 -6.79 3.34
N VAL A 177 -1.56 -6.48 4.18
CA VAL A 177 -0.16 -6.81 3.91
C VAL A 177 0.29 -7.98 4.81
N PRO A 178 0.80 -9.06 4.20
CA PRO A 178 1.23 -10.24 4.99
C PRO A 178 2.54 -9.95 5.73
N LEU A 179 2.43 -9.82 7.03
CA LEU A 179 3.55 -9.48 7.89
C LEU A 179 3.62 -10.57 8.97
N VAL A 180 4.81 -11.13 9.22
CA VAL A 180 4.94 -12.06 10.34
C VAL A 180 5.92 -11.44 11.34
N VAL A 181 5.39 -10.96 12.45
CA VAL A 181 6.19 -10.25 13.47
C VAL A 181 6.56 -11.18 14.61
N PHE A 182 7.86 -11.38 14.81
CA PHE A 182 8.36 -12.15 15.96
C PHE A 182 8.94 -11.20 17.00
N SER A 183 8.33 -11.17 18.18
CA SER A 183 8.80 -10.28 19.22
C SER A 183 9.32 -11.09 20.42
N GLY A 184 10.53 -10.77 20.88
CA GLY A 184 11.04 -11.34 22.12
C GLY A 184 10.12 -10.94 23.27
N GLN A 185 10.16 -11.70 24.35
CA GLN A 185 9.35 -11.43 25.54
C GLN A 185 10.20 -11.80 26.74
N VAL A 186 9.95 -11.19 27.89
CA VAL A 186 10.61 -11.59 29.13
C VAL A 186 10.22 -13.06 29.44
N PRO A 187 11.06 -13.77 30.25
CA PRO A 187 10.81 -15.19 30.55
C PRO A 187 9.40 -15.42 31.05
N THR A 188 8.84 -16.60 30.80
CA THR A 188 7.49 -16.90 31.25
C THR A 188 7.34 -16.69 32.77
N THR A 189 8.42 -16.91 33.51
CA THR A 189 8.42 -16.74 34.97
C THR A 189 8.29 -15.27 35.42
N ALA A 190 8.49 -14.30 34.50
CA ALA A 190 8.43 -12.89 34.86
C ALA A 190 7.18 -12.20 34.28
N ILE A 191 6.46 -12.90 33.41
CA ILE A 191 5.27 -12.29 32.77
C ILE A 191 4.24 -11.91 33.81
N GLY A 192 3.66 -10.70 33.68
CA GLY A 192 2.66 -10.23 34.64
C GLY A 192 3.23 -9.64 35.93
N THR A 193 4.53 -9.35 35.98
CA THR A 193 5.13 -8.81 37.21
C THR A 193 5.62 -7.37 37.02
N ASP A 194 5.21 -6.74 35.92
CA ASP A 194 5.75 -5.44 35.49
C ASP A 194 7.25 -5.56 35.32
N ALA A 195 7.68 -6.61 34.65
CA ALA A 195 9.09 -6.96 34.52
C ALA A 195 9.85 -5.95 33.68
N PHE A 196 11.18 -5.96 33.81
CA PHE A 196 12.02 -5.12 32.95
C PHE A 196 11.73 -5.37 31.46
N GLN A 197 11.43 -4.29 30.72
CA GLN A 197 11.09 -4.37 29.28
C GLN A 197 9.95 -5.34 28.95
N GLU A 198 8.97 -5.42 29.85
CA GLU A 198 7.78 -6.23 29.58
C GLU A 198 6.62 -5.36 29.05
N ALA A 199 6.14 -5.68 27.87
CA ALA A 199 4.87 -5.12 27.40
C ALA A 199 3.90 -6.27 27.20
N ASP A 200 2.62 -6.04 27.43
CA ASP A 200 1.58 -7.00 27.03
C ASP A 200 1.32 -6.88 25.51
N ILE A 201 2.29 -7.30 24.69
CA ILE A 201 2.16 -7.06 23.26
C ILE A 201 1.02 -7.90 22.63
N VAL A 202 0.73 -9.07 23.20
CA VAL A 202 -0.39 -9.85 22.71
C VAL A 202 -1.72 -9.06 22.92
N GLY A 203 -1.86 -8.39 24.06
CA GLY A 203 -3.03 -7.57 24.32
C GLY A 203 -3.04 -6.29 23.47
N ILE A 204 -1.90 -5.62 23.41
CA ILE A 204 -1.79 -4.39 22.68
C ILE A 204 -2.02 -4.60 21.19
N SER A 205 -1.46 -5.68 20.62
CA SER A 205 -1.57 -5.88 19.17
C SER A 205 -2.81 -6.68 18.74
N ARG A 206 -3.66 -7.07 19.66
CA ARG A 206 -4.82 -7.86 19.28
C ARG A 206 -5.64 -7.22 18.19
N SER A 207 -5.96 -5.96 18.36
CA SER A 207 -6.76 -5.26 17.42
C SER A 207 -6.04 -4.83 16.14
N CYS A 208 -4.73 -5.04 16.04
CA CYS A 208 -4.05 -4.65 14.80
C CYS A 208 -3.29 -5.81 14.14
N THR A 209 -3.77 -7.03 14.41
CA THR A 209 -3.29 -8.24 13.84
C THR A 209 -4.48 -9.14 13.51
N LYS A 210 -4.28 -10.01 12.57
CA LYS A 210 -5.28 -10.96 12.21
C LYS A 210 -5.35 -11.99 13.32
N TRP A 211 -4.24 -12.20 13.99
CA TRP A 211 -4.10 -13.27 14.96
C TRP A 211 -2.76 -13.07 15.66
N ASN A 212 -2.66 -13.47 16.93
CA ASN A 212 -1.33 -13.46 17.57
C ASN A 212 -1.31 -14.53 18.66
N VAL A 213 -0.14 -14.79 19.22
CA VAL A 213 0.00 -15.89 20.17
C VAL A 213 1.27 -15.67 20.93
N MET A 214 1.30 -16.16 22.17
CA MET A 214 2.52 -16.23 22.91
C MET A 214 2.93 -17.67 23.01
N VAL A 215 4.12 -18.01 22.52
CA VAL A 215 4.59 -19.40 22.59
C VAL A 215 4.95 -19.71 24.04
N LYS A 216 4.46 -20.83 24.56
CA LYS A 216 4.66 -21.13 25.97
C LYS A 216 5.66 -22.26 26.22
N ASN A 217 6.00 -23.03 25.20
CA ASN A 217 7.07 -24.02 25.36
C ASN A 217 7.62 -24.36 23.99
N VAL A 218 8.83 -24.89 23.99
CA VAL A 218 9.57 -25.00 22.74
C VAL A 218 8.95 -26.08 21.86
N ALA A 219 8.32 -27.09 22.47
CA ALA A 219 7.67 -28.13 21.67
C ALA A 219 6.57 -27.58 20.74
N GLU A 220 5.96 -26.45 21.10
CA GLU A 220 4.88 -25.91 20.26
C GLU A 220 5.40 -24.82 19.30
N LEU A 221 6.69 -24.51 19.37
CA LEU A 221 7.21 -23.42 18.56
C LEU A 221 7.06 -23.68 17.03
N PRO A 222 7.42 -24.88 16.53
CA PRO A 222 7.19 -25.09 15.09
C PRO A 222 5.71 -24.96 14.66
N ARG A 223 4.77 -25.47 15.44
CA ARG A 223 3.33 -25.38 15.10
C ARG A 223 2.94 -23.92 15.05
N ARG A 224 3.35 -23.12 16.04
CA ARG A 224 2.93 -21.72 16.05
C ARG A 224 3.52 -20.93 14.87
N ILE A 225 4.77 -21.22 14.51
CA ILE A 225 5.36 -20.59 13.34
C ILE A 225 4.60 -20.95 12.04
N ASN A 226 4.28 -22.23 11.84
CA ASN A 226 3.45 -22.63 10.71
C ASN A 226 2.10 -21.90 10.68
N GLU A 227 1.45 -21.85 11.84
CA GLU A 227 0.16 -21.19 11.97
C GLU A 227 0.24 -19.73 11.56
N ALA A 228 1.30 -19.05 12.02
CA ALA A 228 1.48 -17.64 11.74
C ALA A 228 1.59 -17.41 10.24
N PHE A 229 2.43 -18.19 9.57
CA PHE A 229 2.67 -17.95 8.14
C PHE A 229 1.39 -18.27 7.35
N GLU A 230 0.67 -19.29 7.80
CA GLU A 230 -0.54 -19.69 7.11
C GLU A 230 -1.62 -18.62 7.24
N ILE A 231 -1.84 -18.11 8.44
CA ILE A 231 -2.84 -17.08 8.65
C ILE A 231 -2.48 -15.78 7.94
N ALA A 232 -1.20 -15.38 8.02
CA ALA A 232 -0.73 -14.16 7.35
C ALA A 232 -1.01 -14.13 5.86
N THR A 233 -0.95 -15.30 5.23
CA THR A 233 -0.96 -15.36 3.77
C THR A 233 -2.24 -15.89 3.16
N THR A 234 -3.21 -16.30 3.99
CA THR A 234 -4.44 -16.84 3.43
C THR A 234 -5.59 -15.88 3.70
N GLY A 235 -6.73 -16.09 3.03
CA GLY A 235 -7.86 -15.17 3.15
C GLY A 235 -7.39 -13.80 2.69
N ARG A 236 -7.84 -12.74 3.34
CA ARG A 236 -7.21 -11.44 3.12
C ARG A 236 -5.88 -11.43 3.85
N PRO A 237 -4.75 -11.25 3.11
CA PRO A 237 -3.46 -11.27 3.82
C PRO A 237 -3.42 -10.19 4.88
N GLY A 238 -2.62 -10.41 5.92
CA GLY A 238 -2.49 -9.40 6.95
C GLY A 238 -1.42 -9.77 7.96
N PRO A 239 -1.21 -8.93 8.97
CA PRO A 239 -0.15 -9.12 9.96
C PRO A 239 -0.53 -10.12 11.05
N VAL A 240 0.46 -10.88 11.51
CA VAL A 240 0.32 -11.72 12.69
C VAL A 240 1.53 -11.47 13.60
N LEU A 241 1.37 -11.76 14.89
CA LEU A 241 2.48 -11.60 15.83
C LEU A 241 2.64 -12.87 16.66
N VAL A 242 3.88 -13.30 16.82
CA VAL A 242 4.24 -14.43 17.64
C VAL A 242 5.22 -13.96 18.72
N ASP A 243 4.79 -14.06 19.97
CA ASP A 243 5.55 -13.60 21.13
C ASP A 243 6.46 -14.75 21.66
N LEU A 244 7.74 -14.46 21.86
CA LEU A 244 8.76 -15.49 22.15
C LEU A 244 9.49 -15.24 23.47
N PRO A 245 8.98 -15.81 24.57
CA PRO A 245 9.64 -15.60 25.86
C PRO A 245 11.07 -16.11 25.82
N LYS A 246 11.97 -15.39 26.48
CA LYS A 246 13.38 -15.71 26.43
C LYS A 246 13.72 -17.13 26.91
N ASP A 247 13.00 -17.62 27.91
CA ASP A 247 13.29 -18.96 28.46
C ASP A 247 12.82 -20.05 27.49
N VAL A 248 11.81 -19.74 26.68
CA VAL A 248 11.37 -20.68 25.63
C VAL A 248 12.43 -20.75 24.52
N THR A 249 12.93 -19.60 24.06
CA THR A 249 13.87 -19.62 22.94
C THR A 249 15.26 -20.11 23.38
N ALA A 250 15.58 -19.97 24.66
CA ALA A 250 16.82 -20.55 25.21
C ALA A 250 16.69 -22.04 25.56
N SER A 251 15.47 -22.48 25.84
CA SER A 251 15.28 -23.91 26.21
C SER A 251 15.56 -24.85 25.01
N ILE A 252 15.83 -26.10 25.34
CA ILE A 252 16.21 -27.10 24.35
C ILE A 252 15.08 -28.12 24.22
N LEU A 253 14.69 -28.44 22.98
CA LEU A 253 13.65 -29.45 22.73
C LEU A 253 14.13 -30.84 23.18
N ARG A 254 13.37 -31.48 24.05
CA ARG A 254 13.78 -32.78 24.59
C ARG A 254 12.84 -33.90 24.15
N GLU A 255 11.76 -33.56 23.43
CA GLU A 255 10.77 -34.56 23.10
C GLU A 255 10.42 -34.53 21.60
N SER A 256 10.00 -35.65 21.04
CA SER A 256 9.61 -35.66 19.64
C SER A 256 8.31 -34.85 19.46
N ILE A 257 8.07 -34.34 18.25
CA ILE A 257 6.89 -33.55 17.98
C ILE A 257 6.22 -34.04 16.70
N PRO A 258 4.90 -33.78 16.53
CA PRO A 258 4.23 -34.32 15.33
C PRO A 258 4.92 -33.80 14.09
N ILE A 259 5.17 -34.72 13.16
CA ILE A 259 5.96 -34.39 12.00
C ILE A 259 5.25 -33.33 11.13
N ASN A 260 3.92 -33.30 11.19
N ASN A 260 3.92 -33.29 11.20
CA ASN A 260 3.17 -32.32 10.43
CA ASN A 260 3.16 -32.29 10.43
C ASN A 260 3.50 -30.89 10.87
C ASN A 260 3.51 -30.88 10.88
N THR A 261 3.91 -30.71 12.13
CA THR A 261 4.24 -29.37 12.63
C THR A 261 5.65 -28.90 12.22
N THR A 262 6.46 -29.79 11.66
CA THR A 262 7.82 -29.42 11.27
C THR A 262 7.92 -29.01 9.80
N LEU A 263 6.78 -29.07 9.11
CA LEU A 263 6.69 -28.69 7.69
C LEU A 263 5.59 -27.66 7.49
N PRO A 264 5.82 -26.68 6.61
CA PRO A 264 4.79 -25.77 6.12
C PRO A 264 3.76 -26.51 5.25
N SER A 265 2.75 -25.83 4.72
CA SER A 265 1.77 -26.47 3.85
C SER A 265 2.22 -26.54 2.39
N VAL A 276 -14.27 -25.23 -5.30
CA VAL A 276 -15.35 -24.28 -5.58
C VAL A 276 -16.72 -24.82 -5.21
N SER A 277 -17.33 -24.26 -4.17
CA SER A 277 -18.65 -24.71 -3.72
C SER A 277 -19.74 -24.53 -4.79
N GLU A 278 -20.74 -25.42 -4.76
CA GLU A 278 -21.89 -25.30 -5.63
C GLU A 278 -22.56 -23.93 -5.42
N PHE A 279 -22.52 -23.44 -4.19
CA PHE A 279 -23.14 -22.16 -3.86
C PHE A 279 -22.54 -21.01 -4.67
N THR A 280 -21.20 -20.99 -4.70
CA THR A 280 -20.45 -19.94 -5.37
C THR A 280 -20.49 -20.11 -6.88
N SER A 281 -20.37 -21.35 -7.33
CA SER A 281 -20.54 -21.68 -8.73
C SER A 281 -21.89 -21.18 -9.28
N GLU A 282 -22.95 -21.25 -8.48
CA GLU A 282 -24.25 -20.77 -8.92
C GLU A 282 -24.30 -19.24 -8.90
N ALA A 283 -23.69 -18.64 -7.89
CA ALA A 283 -23.60 -17.19 -7.81
C ALA A 283 -22.86 -16.65 -9.03
N ILE A 284 -21.81 -17.38 -9.46
CA ILE A 284 -21.01 -16.95 -10.62
C ILE A 284 -21.85 -16.97 -11.88
N LYS A 285 -22.64 -18.03 -12.06
CA LYS A 285 -23.55 -18.11 -13.20
C LYS A 285 -24.57 -16.98 -13.18
N ARG A 286 -25.14 -16.68 -12.01
CA ARG A 286 -26.12 -15.60 -11.92
C ARG A 286 -25.46 -14.24 -12.22
N ALA A 287 -24.23 -14.08 -11.73
CA ALA A 287 -23.45 -12.87 -11.99
C ALA A 287 -23.21 -12.66 -13.50
N ALA A 288 -22.87 -13.74 -14.20
CA ALA A 288 -22.63 -13.64 -15.63
C ALA A 288 -23.92 -13.22 -16.34
N ASN A 289 -25.04 -13.81 -15.93
CA ASN A 289 -26.30 -13.49 -16.59
C ASN A 289 -26.64 -12.01 -16.41
N ILE A 290 -26.32 -11.47 -15.24
CA ILE A 290 -26.51 -10.05 -14.98
C ILE A 290 -25.59 -9.20 -15.86
N LEU A 291 -24.30 -9.52 -15.89
CA LEU A 291 -23.39 -8.75 -16.74
C LEU A 291 -23.82 -8.83 -18.22
N ASN A 292 -24.30 -9.99 -18.67
CA ASN A 292 -24.69 -10.13 -20.07
C ASN A 292 -25.90 -9.26 -20.44
N LYS A 293 -26.60 -8.73 -19.43
CA LYS A 293 -27.73 -7.81 -19.67
C LYS A 293 -27.26 -6.34 -19.67
N ALA A 294 -26.13 -6.07 -19.03
CA ALA A 294 -25.68 -4.69 -18.80
C ALA A 294 -25.41 -3.91 -20.09
N LYS A 295 -25.80 -2.63 -20.08
CA LYS A 295 -25.52 -1.76 -21.21
C LYS A 295 -24.50 -0.68 -20.84
N LYS A 296 -24.20 -0.56 -19.54
CA LYS A 296 -23.24 0.42 -19.08
C LYS A 296 -22.35 -0.17 -17.98
N PRO A 297 -21.60 -1.25 -18.30
CA PRO A 297 -20.80 -1.90 -17.23
C PRO A 297 -19.54 -1.10 -16.89
N ILE A 298 -19.00 -1.34 -15.70
CA ILE A 298 -17.73 -0.77 -15.33
C ILE A 298 -17.03 -1.73 -14.35
N ILE A 299 -15.71 -1.89 -14.50
CA ILE A 299 -14.94 -2.70 -13.56
C ILE A 299 -14.31 -1.77 -12.55
N TYR A 300 -14.52 -2.07 -11.27
CA TYR A 300 -13.91 -1.37 -10.15
C TYR A 300 -12.92 -2.33 -9.48
N ALA A 301 -11.63 -2.16 -9.79
CA ALA A 301 -10.64 -3.15 -9.44
C ALA A 301 -9.73 -2.63 -8.34
N GLY A 302 -9.38 -3.49 -7.40
CA GLY A 302 -8.53 -3.05 -6.30
C GLY A 302 -7.38 -3.99 -5.99
N ALA A 303 -6.81 -3.83 -4.79
CA ALA A 303 -5.63 -4.57 -4.36
C ALA A 303 -5.73 -6.10 -4.49
N GLY A 304 -6.93 -6.64 -4.34
CA GLY A 304 -7.10 -8.09 -4.35
C GLY A 304 -6.69 -8.74 -5.65
N ILE A 305 -6.80 -8.00 -6.74
CA ILE A 305 -6.47 -8.54 -8.05
C ILE A 305 -4.93 -8.73 -8.15
N LEU A 306 -4.19 -7.99 -7.31
CA LEU A 306 -2.73 -8.06 -7.32
C LEU A 306 -2.22 -9.29 -6.57
N ASN A 307 -3.09 -9.95 -5.83
CA ASN A 307 -2.63 -11.03 -4.95
C ASN A 307 -2.46 -12.35 -5.68
N ASN A 308 -2.72 -12.37 -6.97
CA ASN A 308 -2.42 -13.52 -7.80
C ASN A 308 -1.69 -13.02 -9.01
N GLU A 309 -0.61 -13.70 -9.40
CA GLU A 309 0.14 -13.27 -10.57
C GLU A 309 -0.71 -13.22 -11.83
N GLN A 310 -1.75 -14.04 -11.90
CA GLN A 310 -2.62 -14.05 -13.11
C GLN A 310 -3.74 -13.02 -13.04
N GLY A 311 -3.87 -12.35 -11.90
CA GLY A 311 -4.92 -11.37 -11.68
C GLY A 311 -5.06 -10.34 -12.79
N PRO A 312 -4.01 -9.53 -13.01
CA PRO A 312 -4.09 -8.50 -14.06
C PRO A 312 -4.40 -9.08 -15.46
N LYS A 313 -3.84 -10.25 -15.76
CA LYS A 313 -4.14 -10.90 -17.03
C LYS A 313 -5.64 -11.20 -17.22
N LEU A 314 -6.27 -11.72 -16.17
CA LEU A 314 -7.69 -12.10 -16.26
C LEU A 314 -8.59 -10.87 -16.24
N LEU A 315 -8.19 -9.85 -15.50
CA LEU A 315 -8.87 -8.55 -15.54
C LEU A 315 -8.92 -7.99 -16.97
N LYS A 316 -7.77 -8.00 -17.65
CA LYS A 316 -7.67 -7.54 -19.03
C LYS A 316 -8.52 -8.43 -19.93
N GLU A 317 -8.48 -9.73 -19.68
CA GLU A 317 -9.23 -10.65 -20.52
C GLU A 317 -10.73 -10.38 -20.42
N LEU A 318 -11.21 -10.14 -19.20
CA LEU A 318 -12.62 -9.79 -18.98
C LEU A 318 -12.97 -8.44 -19.63
N ALA A 319 -12.18 -7.40 -19.35
CA ALA A 319 -12.45 -6.08 -19.91
C ALA A 319 -12.46 -6.15 -21.43
N ASP A 320 -11.52 -6.90 -22.01
CA ASP A 320 -11.45 -7.01 -23.47
C ASP A 320 -12.66 -7.78 -24.03
N LYS A 321 -13.01 -8.89 -23.40
CA LYS A 321 -14.08 -9.73 -23.95
C LYS A 321 -15.43 -9.02 -23.92
N ALA A 322 -15.77 -8.43 -22.79
CA ALA A 322 -17.10 -7.84 -22.65
C ALA A 322 -17.09 -6.32 -22.90
N ASN A 323 -15.92 -5.80 -23.31
CA ASN A 323 -15.77 -4.40 -23.68
C ASN A 323 -16.21 -3.46 -22.55
N ILE A 324 -15.42 -3.45 -21.47
CA ILE A 324 -15.77 -2.77 -20.22
C ILE A 324 -14.67 -1.81 -19.79
N PRO A 325 -15.01 -0.54 -19.52
CA PRO A 325 -14.04 0.43 -18.98
C PRO A 325 -13.63 0.06 -17.56
N VAL A 326 -12.39 0.36 -17.21
CA VAL A 326 -11.79 -0.08 -15.93
C VAL A 326 -11.31 1.09 -15.12
N THR A 327 -11.80 1.20 -13.88
CA THR A 327 -11.24 2.12 -12.90
C THR A 327 -10.63 1.32 -11.73
N THR A 328 -9.61 1.89 -11.08
CA THR A 328 -9.00 1.23 -9.92
C THR A 328 -8.93 2.17 -8.74
N THR A 329 -8.77 1.57 -7.57
CA THR A 329 -8.44 2.29 -6.36
C THR A 329 -6.98 2.72 -6.39
N LEU A 330 -6.60 3.48 -5.38
CA LEU A 330 -5.20 3.80 -5.12
C LEU A 330 -4.38 2.52 -5.02
N GLN A 331 -4.91 1.53 -4.29
CA GLN A 331 -4.16 0.28 -4.07
C GLN A 331 -4.23 -0.67 -5.27
N GLY A 332 -5.13 -0.41 -6.20
CA GLY A 332 -5.19 -1.23 -7.40
C GLY A 332 -4.37 -0.65 -8.53
N LEU A 333 -3.72 0.49 -8.31
CA LEU A 333 -2.97 1.15 -9.40
C LEU A 333 -1.90 0.20 -9.95
N GLY A 334 -1.88 0.03 -11.27
CA GLY A 334 -0.95 -0.91 -11.90
C GLY A 334 -1.60 -2.26 -12.21
N ALA A 335 -2.80 -2.50 -11.69
CA ALA A 335 -3.54 -3.71 -12.06
C ALA A 335 -3.99 -3.66 -13.49
N PHE A 336 -4.19 -2.48 -14.04
CA PHE A 336 -4.61 -2.35 -15.42
C PHE A 336 -3.75 -1.33 -16.17
N ASP A 337 -3.42 -1.60 -17.41
CA ASP A 337 -2.61 -0.69 -18.19
C ASP A 337 -3.34 0.60 -18.47
N GLN A 338 -2.95 1.68 -17.82
CA GLN A 338 -3.57 2.96 -17.97
C GLN A 338 -3.48 3.59 -19.37
N ARG A 339 -2.60 3.03 -20.19
CA ARG A 339 -2.41 3.45 -21.56
C ARG A 339 -3.55 2.92 -22.41
N ASP A 340 -4.20 1.87 -21.94
CA ASP A 340 -5.34 1.30 -22.66
C ASP A 340 -6.50 2.31 -22.74
N PRO A 341 -7.13 2.45 -23.91
CA PRO A 341 -8.29 3.35 -24.05
C PRO A 341 -9.42 3.10 -23.05
N LYS A 342 -9.52 1.87 -22.55
CA LYS A 342 -10.58 1.52 -21.60
C LYS A 342 -10.24 1.94 -20.16
N SER A 343 -9.06 2.49 -19.95
CA SER A 343 -8.69 2.95 -18.62
C SER A 343 -9.40 4.26 -18.21
N LEU A 344 -10.16 4.21 -17.11
CA LEU A 344 -10.78 5.40 -16.51
C LEU A 344 -9.90 6.07 -15.43
N ASP A 345 -8.73 5.50 -15.16
CA ASP A 345 -7.81 5.97 -14.10
C ASP A 345 -8.40 5.70 -12.69
N MET A 346 -7.89 6.40 -11.66
CA MET A 346 -8.27 6.17 -10.27
C MET A 346 -9.61 6.84 -9.93
N LEU A 347 -10.44 6.19 -9.11
CA LEU A 347 -11.69 6.80 -8.66
C LEU A 347 -11.54 7.27 -7.23
N GLY A 348 -12.50 8.06 -6.75
CA GLY A 348 -12.52 8.39 -5.31
C GLY A 348 -12.40 9.87 -5.01
N MET A 349 -12.14 10.15 -3.73
CA MET A 349 -12.04 11.53 -3.22
CA MET A 349 -12.02 11.51 -3.21
C MET A 349 -11.16 12.42 -4.09
N HIS A 350 -10.00 11.90 -4.50
CA HIS A 350 -9.07 12.65 -5.36
C HIS A 350 -8.86 11.93 -6.69
N GLY A 351 -9.79 11.05 -7.04
CA GLY A 351 -9.72 10.36 -8.32
C GLY A 351 -10.22 11.22 -9.49
N SER A 352 -10.06 10.72 -10.69
CA SER A 352 -10.54 11.38 -11.91
C SER A 352 -12.06 11.63 -11.86
N ALA A 353 -12.50 12.84 -12.23
CA ALA A 353 -13.94 13.10 -12.32
C ALA A 353 -14.57 12.25 -13.41
N ALA A 354 -13.78 11.76 -14.36
CA ALA A 354 -14.34 10.85 -15.39
C ALA A 354 -14.67 9.47 -14.78
N ALA A 355 -13.74 8.94 -13.98
CA ALA A 355 -13.98 7.67 -13.29
C ALA A 355 -15.18 7.80 -12.35
N ASN A 356 -15.19 8.85 -11.53
CA ASN A 356 -16.31 9.10 -10.59
C ASN A 356 -17.66 9.25 -11.29
N THR A 357 -17.68 10.01 -12.38
CA THR A 357 -18.90 10.13 -13.18
C THR A 357 -19.33 8.77 -13.73
N ALA A 358 -18.38 8.00 -14.26
CA ALA A 358 -18.73 6.72 -14.89
C ALA A 358 -19.33 5.72 -13.86
N ILE A 359 -18.77 5.66 -12.67
CA ILE A 359 -19.30 4.69 -11.70
CA ILE A 359 -19.26 4.77 -11.60
C ILE A 359 -20.67 5.16 -11.18
N GLN A 360 -20.92 6.47 -11.15
CA GLN A 360 -22.22 6.98 -10.72
C GLN A 360 -23.30 6.74 -11.76
N ASN A 361 -22.88 6.44 -13.00
CA ASN A 361 -23.85 6.24 -14.07
C ASN A 361 -23.92 4.82 -14.62
N ALA A 362 -23.09 3.93 -14.09
CA ALA A 362 -23.00 2.55 -14.57
C ALA A 362 -24.20 1.71 -14.13
N ASP A 363 -24.68 0.81 -14.97
CA ASP A 363 -25.79 -0.04 -14.53
C ASP A 363 -25.24 -1.36 -13.92
N CYS A 364 -23.96 -1.63 -14.11
CA CYS A 364 -23.39 -2.84 -13.57
C CYS A 364 -21.98 -2.57 -13.13
N ILE A 365 -21.70 -2.83 -11.86
CA ILE A 365 -20.38 -2.61 -11.31
C ILE A 365 -19.75 -3.94 -10.91
N ILE A 366 -18.61 -4.24 -11.52
CA ILE A 366 -17.89 -5.45 -11.23
C ILE A 366 -16.74 -5.11 -10.28
N ALA A 367 -16.94 -5.39 -9.00
CA ALA A 367 -15.97 -5.04 -7.96
C ALA A 367 -15.00 -6.20 -7.79
N LEU A 368 -13.76 -6.00 -8.20
CA LEU A 368 -12.74 -7.05 -8.18
C LEU A 368 -11.65 -6.78 -7.15
N GLY A 369 -11.74 -7.42 -5.98
CA GLY A 369 -10.72 -7.26 -4.96
C GLY A 369 -10.61 -5.83 -4.43
N ALA A 370 -11.76 -5.21 -4.14
CA ALA A 370 -11.78 -3.85 -3.61
C ALA A 370 -12.85 -3.80 -2.53
N ARG A 371 -12.63 -2.99 -1.49
CA ARG A 371 -13.52 -3.05 -0.31
C ARG A 371 -14.47 -1.86 -0.10
N PHE A 372 -14.69 -1.02 -1.11
CA PHE A 372 -15.61 0.11 -0.97
C PHE A 372 -15.25 1.00 0.24
N ASP A 373 -13.97 1.36 0.37
CA ASP A 373 -13.44 2.24 1.43
CA ASP A 373 -13.57 2.17 1.51
C ASP A 373 -14.13 3.59 1.39
N ASP A 374 -14.11 4.33 2.50
CA ASP A 374 -14.83 5.59 2.50
C ASP A 374 -14.09 6.75 1.82
N ARG A 375 -12.84 6.54 1.39
CA ARG A 375 -12.19 7.53 0.51
C ARG A 375 -12.66 7.33 -0.94
N VAL A 376 -13.19 6.15 -1.24
CA VAL A 376 -13.61 5.83 -2.61
C VAL A 376 -15.11 6.11 -2.90
N THR A 377 -15.98 5.79 -1.96
CA THR A 377 -17.41 5.80 -2.26
C THR A 377 -18.04 7.19 -2.26
N GLY A 378 -17.39 8.16 -1.63
CA GLY A 378 -18.07 9.43 -1.41
C GLY A 378 -19.23 9.17 -0.44
N ASN A 379 -20.23 10.04 -0.45
CA ASN A 379 -21.45 9.82 0.34
C ASN A 379 -22.09 8.46 0.00
N ILE A 380 -22.08 7.54 0.96
CA ILE A 380 -22.52 6.17 0.71
C ILE A 380 -23.98 6.08 0.24
N SER A 381 -24.87 6.85 0.84
CA SER A 381 -26.27 6.78 0.44
C SER A 381 -26.47 7.29 -1.00
N LYS A 382 -25.52 8.08 -1.50
CA LYS A 382 -25.65 8.61 -2.86
C LYS A 382 -24.74 7.90 -3.86
N PHE A 383 -24.11 6.81 -3.43
CA PHE A 383 -23.14 6.07 -4.23
C PHE A 383 -23.83 5.15 -5.24
N ALA A 384 -23.32 5.11 -6.47
CA ALA A 384 -23.78 4.17 -7.50
C ALA A 384 -25.30 4.07 -7.68
N PRO A 385 -25.98 5.22 -7.91
CA PRO A 385 -27.43 5.25 -8.01
C PRO A 385 -27.96 4.39 -9.17
N GLU A 386 -27.24 4.40 -10.30
CA GLU A 386 -27.72 3.70 -11.49
C GLU A 386 -27.60 2.19 -11.34
N ALA A 387 -26.58 1.74 -10.61
CA ALA A 387 -26.42 0.31 -10.35
C ALA A 387 -27.47 -0.21 -9.37
N LYS A 388 -27.78 0.60 -8.35
CA LYS A 388 -28.87 0.26 -7.43
C LYS A 388 -30.22 0.21 -8.14
N LEU A 389 -30.46 1.15 -9.04
CA LEU A 389 -31.71 1.12 -9.80
C LEU A 389 -31.78 -0.13 -10.68
N ALA A 390 -30.69 -0.43 -11.37
CA ALA A 390 -30.63 -1.60 -12.25
C ALA A 390 -30.89 -2.89 -11.46
N ALA A 391 -30.26 -3.02 -10.29
CA ALA A 391 -30.49 -4.18 -9.42
C ALA A 391 -31.98 -4.32 -9.11
N SER A 392 -32.64 -3.22 -8.72
CA SER A 392 -34.08 -3.26 -8.41
C SER A 392 -34.94 -3.64 -9.59
N GLU A 393 -34.46 -3.38 -10.79
CA GLU A 393 -35.23 -3.66 -11.99
C GLU A 393 -34.75 -4.95 -12.64
N GLY A 394 -33.83 -5.65 -11.99
CA GLY A 394 -33.38 -6.94 -12.48
C GLY A 394 -32.56 -6.89 -13.75
N ARG A 395 -31.77 -5.83 -13.93
CA ARG A 395 -30.96 -5.68 -15.15
C ARG A 395 -29.55 -5.15 -14.86
N GLY A 396 -29.09 -5.30 -13.63
CA GLY A 396 -27.72 -4.92 -13.27
C GLY A 396 -27.45 -5.03 -11.80
N GLY A 397 -26.59 -4.17 -11.29
CA GLY A 397 -26.27 -4.15 -9.88
C GLY A 397 -24.79 -4.24 -9.64
N ILE A 398 -24.44 -4.75 -8.46
CA ILE A 398 -23.04 -4.82 -8.04
C ILE A 398 -22.64 -6.28 -7.90
N LEU A 399 -21.59 -6.65 -8.62
CA LEU A 399 -21.06 -8.02 -8.57
C LEU A 399 -19.74 -7.98 -7.83
N HIS A 400 -19.74 -8.50 -6.60
CA HIS A 400 -18.62 -8.31 -5.70
C HIS A 400 -17.80 -9.60 -5.55
N PHE A 401 -16.60 -9.62 -6.13
CA PHE A 401 -15.66 -10.74 -6.00
C PHE A 401 -14.73 -10.46 -4.80
N GLU A 402 -14.98 -11.13 -3.68
CA GLU A 402 -14.31 -10.78 -2.43
C GLU A 402 -13.90 -12.03 -1.64
N ILE A 403 -12.70 -12.03 -1.07
CA ILE A 403 -12.20 -13.24 -0.45
C ILE A 403 -12.56 -13.31 1.04
N SER A 404 -12.79 -12.16 1.66
CA SER A 404 -13.10 -12.07 3.08
C SER A 404 -14.60 -11.78 3.29
N PRO A 405 -15.37 -12.76 3.83
CA PRO A 405 -16.81 -12.59 4.04
C PRO A 405 -17.13 -11.33 4.86
N LYS A 406 -16.23 -10.96 5.75
CA LYS A 406 -16.42 -9.75 6.55
C LYS A 406 -16.60 -8.50 5.66
N ASN A 407 -15.99 -8.49 4.47
CA ASN A 407 -16.06 -7.30 3.63
C ASN A 407 -17.13 -7.40 2.55
N ILE A 408 -17.89 -8.48 2.57
CA ILE A 408 -19.04 -8.62 1.68
C ILE A 408 -20.28 -8.07 2.35
N ASN A 409 -20.99 -7.16 1.68
CA ASN A 409 -22.16 -6.50 2.23
C ASN A 409 -21.85 -5.72 3.50
N LYS A 410 -20.63 -5.19 3.58
CA LYS A 410 -20.24 -4.42 4.75
C LYS A 410 -20.62 -2.95 4.57
N VAL A 411 -20.42 -2.45 3.36
CA VAL A 411 -20.63 -1.03 3.07
C VAL A 411 -21.80 -0.87 2.12
N VAL A 412 -21.77 -1.64 1.04
CA VAL A 412 -22.80 -1.64 0.02
C VAL A 412 -23.31 -3.06 -0.22
N GLU A 413 -24.60 -3.18 -0.49
CA GLU A 413 -25.22 -4.45 -0.79
C GLU A 413 -24.79 -4.98 -2.16
N ALA A 414 -24.23 -6.18 -2.18
CA ALA A 414 -23.84 -6.81 -3.43
C ALA A 414 -25.07 -7.46 -4.05
N THR A 415 -25.26 -7.29 -5.35
CA THR A 415 -26.34 -7.99 -6.02
C THR A 415 -26.00 -9.47 -6.09
N GLU A 416 -24.74 -9.77 -6.42
CA GLU A 416 -24.20 -11.12 -6.26
C GLU A 416 -22.87 -11.03 -5.57
N ALA A 417 -22.70 -11.89 -4.58
CA ALA A 417 -21.44 -12.00 -3.85
C ALA A 417 -20.72 -13.25 -4.34
N ILE A 418 -19.50 -13.08 -4.84
CA ILE A 418 -18.72 -14.21 -5.32
C ILE A 418 -17.52 -14.35 -4.39
N GLU A 419 -17.66 -15.32 -3.48
CA GLU A 419 -16.73 -15.45 -2.39
C GLU A 419 -15.50 -16.28 -2.79
N GLY A 420 -14.31 -15.81 -2.40
CA GLY A 420 -13.09 -16.54 -2.66
C GLY A 420 -12.09 -15.70 -3.43
N ASP A 421 -11.00 -16.31 -3.88
CA ASP A 421 -9.96 -15.59 -4.63
C ASP A 421 -10.50 -15.06 -5.96
N VAL A 422 -10.37 -13.75 -6.18
CA VAL A 422 -10.97 -13.14 -7.36
C VAL A 422 -10.40 -13.73 -8.65
N THR A 423 -9.10 -14.05 -8.64
CA THR A 423 -8.47 -14.56 -9.86
C THR A 423 -8.98 -15.94 -10.22
N ALA A 424 -9.06 -16.82 -9.23
CA ALA A 424 -9.66 -18.13 -9.45
C ALA A 424 -11.10 -18.04 -9.94
N ASN A 425 -11.89 -17.17 -9.32
CA ASN A 425 -13.30 -17.07 -9.67
C ASN A 425 -13.49 -16.42 -11.05
N LEU A 426 -12.56 -15.55 -11.46
CA LEU A 426 -12.59 -14.97 -12.81
C LEU A 426 -12.40 -16.06 -13.89
N GLN A 427 -11.60 -17.08 -13.62
CA GLN A 427 -11.43 -18.18 -14.58
C GLN A 427 -12.76 -18.85 -14.90
N SER A 428 -13.64 -18.94 -13.91
CA SER A 428 -14.97 -19.55 -14.10
C SER A 428 -15.94 -18.57 -14.74
N PHE A 429 -15.78 -17.32 -14.37
CA PHE A 429 -16.70 -16.26 -14.75
C PHE A 429 -16.62 -15.93 -16.24
N ILE A 430 -15.42 -15.66 -16.71
CA ILE A 430 -15.22 -15.13 -18.06
C ILE A 430 -15.82 -16.02 -19.15
N PRO A 431 -15.58 -17.34 -19.11
CA PRO A 431 -16.24 -18.15 -20.15
C PRO A 431 -17.77 -18.09 -20.19
N LEU A 432 -18.43 -17.68 -19.10
CA LEU A 432 -19.89 -17.55 -19.10
C LEU A 432 -20.35 -16.17 -19.57
N VAL A 433 -19.39 -15.25 -19.65
CA VAL A 433 -19.64 -13.87 -20.07
C VAL A 433 -19.63 -13.75 -21.59
N ASP A 434 -20.70 -13.18 -22.16
CA ASP A 434 -20.78 -12.98 -23.62
C ASP A 434 -19.76 -11.98 -24.16
N SER A 435 -19.15 -12.32 -25.29
CA SER A 435 -18.23 -11.41 -25.96
CA SER A 435 -18.23 -11.41 -25.95
C SER A 435 -19.02 -10.26 -26.56
N ILE A 436 -18.54 -9.04 -26.36
CA ILE A 436 -19.24 -7.85 -26.86
C ILE A 436 -18.29 -7.03 -27.73
N GLU A 437 -18.73 -6.72 -28.95
CA GLU A 437 -17.87 -6.01 -29.90
C GLU A 437 -17.81 -4.50 -29.66
N ASN A 438 -18.97 -3.87 -29.52
CA ASN A 438 -19.07 -2.42 -29.36
C ASN A 438 -20.16 -2.00 -28.37
N ARG A 439 -19.91 -0.89 -27.68
CA ARG A 439 -20.92 -0.24 -26.85
C ARG A 439 -20.89 1.25 -27.21
N PRO A 440 -21.48 1.59 -28.37
CA PRO A 440 -21.30 2.93 -28.94
C PRO A 440 -21.76 4.06 -28.03
N GLU A 441 -22.96 4.00 -27.44
CA GLU A 441 -23.42 5.11 -26.61
C GLU A 441 -22.70 5.19 -25.27
N TRP A 442 -22.35 4.05 -24.69
CA TRP A 442 -21.68 4.06 -23.39
C TRP A 442 -20.26 4.60 -23.54
N PHE A 443 -19.56 4.14 -24.57
CA PHE A 443 -18.20 4.58 -24.79
C PHE A 443 -18.16 5.98 -25.38
N ASN A 444 -19.22 6.38 -26.07
CA ASN A 444 -19.31 7.79 -26.42
C ASN A 444 -19.34 8.67 -25.14
N LYS A 445 -20.11 8.27 -24.14
CA LYS A 445 -20.13 8.98 -22.86
C LYS A 445 -18.78 8.88 -22.15
N ILE A 446 -18.23 7.67 -22.09
CA ILE A 446 -16.94 7.47 -21.44
C ILE A 446 -15.85 8.37 -22.06
N ASN A 447 -15.78 8.38 -23.38
CA ASN A 447 -14.74 9.19 -24.06
C ASN A 447 -14.99 10.69 -23.87
N GLU A 448 -16.26 11.14 -23.86
CA GLU A 448 -16.57 12.55 -23.58
C GLU A 448 -16.14 12.93 -22.15
N TRP A 449 -16.40 12.05 -21.19
CA TRP A 449 -16.01 12.35 -19.80
C TRP A 449 -14.49 12.44 -19.66
N LYS A 450 -13.76 11.54 -20.34
CA LYS A 450 -12.31 11.53 -20.19
C LYS A 450 -11.75 12.82 -20.77
N LYS A 451 -12.30 13.23 -21.91
CA LYS A 451 -11.85 14.47 -22.53
C LYS A 451 -12.14 15.70 -21.67
N LYS A 452 -13.31 15.78 -21.03
CA LYS A 452 -13.61 17.01 -20.30
C LYS A 452 -13.04 17.04 -18.88
N TYR A 453 -12.60 15.89 -18.38
CA TYR A 453 -12.11 15.80 -17.00
C TYR A 453 -10.66 15.30 -16.91
N PRO A 454 -9.70 16.01 -17.53
CA PRO A 454 -8.31 15.62 -17.33
C PRO A 454 -7.86 16.10 -15.95
N TYR A 455 -6.70 15.64 -15.51
CA TYR A 455 -6.16 16.15 -14.26
C TYR A 455 -5.54 17.54 -14.47
N SER A 456 -6.37 18.55 -14.68
CA SER A 456 -5.89 19.91 -14.95
CA SER A 456 -5.91 19.91 -14.95
C SER A 456 -5.36 20.60 -13.70
N TYR A 457 -4.43 21.53 -13.88
CA TYR A 457 -3.86 22.29 -12.77
C TYR A 457 -3.22 23.55 -13.37
N GLN A 458 -2.83 24.50 -12.52
CA GLN A 458 -2.20 25.72 -12.97
C GLN A 458 -0.75 25.44 -13.37
N LEU A 459 -0.45 25.60 -14.65
CA LEU A 459 0.93 25.38 -15.12
C LEU A 459 1.90 26.44 -14.58
N GLU A 460 3.19 26.10 -14.60
CA GLU A 460 4.27 27.04 -14.37
C GLU A 460 4.06 28.33 -15.17
N THR A 461 4.54 29.45 -14.63
CA THR A 461 4.55 30.70 -15.38
C THR A 461 5.97 31.23 -15.29
N PRO A 462 6.33 32.25 -16.08
CA PRO A 462 7.72 32.70 -15.97
C PRO A 462 8.10 33.10 -14.54
N GLY A 463 9.17 32.52 -14.01
CA GLY A 463 9.62 32.87 -12.68
C GLY A 463 8.98 32.10 -11.55
N SER A 464 7.85 31.43 -11.78
CA SER A 464 7.20 30.65 -10.72
C SER A 464 8.06 29.47 -10.28
N LEU A 465 7.75 28.92 -9.10
CA LEU A 465 8.34 27.68 -8.64
C LEU A 465 7.83 26.54 -9.52
N ILE A 466 8.51 25.40 -9.48
CA ILE A 466 8.02 24.19 -10.12
C ILE A 466 6.70 23.76 -9.51
N LYS A 467 5.74 23.36 -10.35
CA LYS A 467 4.48 22.84 -9.83
C LYS A 467 4.66 21.37 -9.47
N PRO A 468 4.06 20.92 -8.35
CA PRO A 468 4.33 19.53 -8.00
C PRO A 468 3.76 18.53 -9.01
N GLN A 469 2.67 18.90 -9.70
CA GLN A 469 2.08 18.02 -10.69
C GLN A 469 3.05 17.81 -11.84
N THR A 470 3.72 18.89 -12.24
CA THR A 470 4.71 18.83 -13.31
C THR A 470 5.90 17.95 -12.96
N LEU A 471 6.38 18.06 -11.74
CA LEU A 471 7.48 17.24 -11.27
C LEU A 471 7.14 15.76 -11.42
N ILE A 472 5.95 15.37 -10.95
CA ILE A 472 5.56 13.96 -11.04
C ILE A 472 5.55 13.48 -12.48
N LYS A 473 4.99 14.30 -13.39
CA LYS A 473 4.96 13.94 -14.79
C LYS A 473 6.38 13.74 -15.33
N GLU A 474 7.29 14.60 -14.90
CA GLU A 474 8.68 14.53 -15.38
C GLU A 474 9.31 13.21 -14.91
N ILE A 475 9.11 12.88 -13.64
CA ILE A 475 9.65 11.63 -13.13
C ILE A 475 9.05 10.44 -13.84
N SER A 476 7.74 10.43 -14.01
CA SER A 476 7.08 9.31 -14.70
C SER A 476 7.59 9.13 -16.13
N ASP A 477 7.74 10.22 -16.88
CA ASP A 477 8.20 10.17 -18.26
C ASP A 477 9.65 9.70 -18.36
N GLN A 478 10.51 10.13 -17.44
CA GLN A 478 11.93 9.75 -17.57
C GLN A 478 12.15 8.35 -17.03
N ALA A 479 11.40 7.96 -15.99
CA ALA A 479 11.63 6.64 -15.38
C ALA A 479 11.33 5.51 -16.37
N GLN A 480 10.42 5.76 -17.31
CA GLN A 480 9.98 4.69 -18.21
C GLN A 480 11.01 4.52 -19.33
N THR A 481 12.03 5.37 -19.37
CA THR A 481 13.09 5.21 -20.36
C THR A 481 14.08 4.10 -20.02
N TYR A 482 14.15 3.63 -18.77
CA TYR A 482 15.18 2.65 -18.42
C TYR A 482 14.70 1.23 -18.72
N ASN A 483 15.63 0.33 -18.99
CA ASN A 483 15.20 -1.03 -19.22
C ASN A 483 15.05 -1.79 -17.90
N LYS A 484 14.37 -1.19 -16.93
CA LYS A 484 14.22 -1.77 -15.59
C LYS A 484 12.80 -1.61 -15.10
N GLU A 485 12.36 -2.51 -14.22
CA GLU A 485 11.09 -2.32 -13.53
C GLU A 485 11.20 -1.07 -12.67
N VAL A 486 10.09 -0.36 -12.50
CA VAL A 486 10.04 0.86 -11.69
C VAL A 486 8.95 0.71 -10.64
N ILE A 487 9.37 0.75 -9.38
CA ILE A 487 8.48 0.64 -8.25
C ILE A 487 8.46 1.96 -7.52
N VAL A 488 7.26 2.43 -7.19
CA VAL A 488 7.09 3.69 -6.50
C VAL A 488 6.55 3.46 -5.11
N THR A 489 7.17 4.07 -4.10
CA THR A 489 6.56 4.15 -2.78
C THR A 489 6.29 5.64 -2.51
N THR A 490 5.44 5.95 -1.54
CA THR A 490 5.16 7.34 -1.20
C THR A 490 5.09 7.54 0.31
N GLY A 491 5.16 8.81 0.73
CA GLY A 491 4.69 9.20 2.04
C GLY A 491 3.18 9.41 1.97
N VAL A 492 2.66 10.24 2.87
CA VAL A 492 1.21 10.50 2.93
C VAL A 492 0.95 11.98 2.86
N GLY A 493 0.06 12.37 1.93
CA GLY A 493 -0.32 13.76 1.79
C GLY A 493 -0.56 14.15 0.33
N GLN A 494 -0.36 15.42 0.00
CA GLN A 494 -0.63 15.87 -1.36
C GLN A 494 0.28 15.18 -2.39
N HIS A 495 1.58 15.09 -2.09
CA HIS A 495 2.55 14.44 -2.98
C HIS A 495 2.10 13.01 -3.34
N GLN A 496 1.49 12.33 -2.37
CA GLN A 496 1.01 10.98 -2.56
C GLN A 496 -0.13 10.92 -3.60
N MET A 497 -1.08 11.85 -3.49
CA MET A 497 -2.20 11.93 -4.42
C MET A 497 -1.71 12.36 -5.83
N TRP A 498 -0.74 13.26 -5.89
CA TRP A 498 -0.24 13.71 -7.18
C TRP A 498 0.54 12.59 -7.82
N ALA A 499 1.25 11.80 -7.02
CA ALA A 499 1.94 10.62 -7.57
C ALA A 499 0.93 9.66 -8.15
N ALA A 500 -0.14 9.39 -7.40
CA ALA A 500 -1.19 8.50 -7.85
C ALA A 500 -1.82 9.01 -9.17
N GLN A 501 -2.10 10.32 -9.22
CA GLN A 501 -2.78 10.88 -10.41
C GLN A 501 -1.85 10.95 -11.61
N HIS A 502 -0.62 11.42 -11.41
CA HIS A 502 0.17 11.85 -12.58
C HIS A 502 1.21 10.87 -13.08
N PHE A 503 1.46 9.82 -12.32
N PHE A 503 1.46 9.80 -12.33
CA PHE A 503 2.25 8.72 -12.86
CA PHE A 503 2.28 8.71 -12.82
C PHE A 503 1.39 7.97 -13.83
C PHE A 503 1.42 7.86 -13.74
N THR A 504 2.00 7.32 -14.81
CA THR A 504 1.28 6.42 -15.68
C THR A 504 1.53 4.98 -15.21
N TRP A 505 0.51 4.34 -14.67
CA TRP A 505 0.64 3.02 -14.04
C TRP A 505 0.36 1.91 -15.06
N THR A 506 1.27 0.93 -15.16
CA THR A 506 1.18 -0.08 -16.22
C THR A 506 1.46 -1.49 -15.70
N GLN A 507 2.11 -1.63 -14.56
CA GLN A 507 2.53 -2.95 -14.06
C GLN A 507 2.08 -3.22 -12.63
N PRO A 508 1.74 -4.49 -12.32
CA PRO A 508 1.27 -4.81 -10.96
C PRO A 508 2.36 -4.70 -9.88
N ARG A 509 1.96 -4.37 -8.65
CA ARG A 509 2.90 -4.25 -7.50
C ARG A 509 3.99 -3.22 -7.77
N THR A 510 3.61 -2.09 -8.35
CA THR A 510 4.55 -0.99 -8.55
C THR A 510 4.12 0.27 -7.78
N MET A 511 2.93 0.26 -7.16
CA MET A 511 2.51 1.36 -6.30
C MET A 511 2.44 0.82 -4.89
N ILE A 512 3.34 1.28 -4.03
CA ILE A 512 3.43 0.77 -2.67
C ILE A 512 3.25 1.95 -1.74
N THR A 513 2.04 2.08 -1.20
CA THR A 513 1.66 3.31 -0.54
C THR A 513 0.74 2.95 0.63
N SER A 514 0.82 3.72 1.71
CA SER A 514 -0.06 3.52 2.87
C SER A 514 -1.40 4.18 2.64
N GLY A 515 -2.45 3.36 2.49
CA GLY A 515 -3.75 3.86 2.06
C GLY A 515 -4.80 3.83 3.15
N GLY A 516 -4.93 2.71 3.86
CA GLY A 516 -6.02 2.58 4.82
C GLY A 516 -5.69 3.32 6.13
N LEU A 517 -4.51 3.09 6.68
CA LEU A 517 -4.11 3.81 7.89
C LEU A 517 -3.51 5.16 7.50
N GLY A 518 -2.83 5.19 6.36
CA GLY A 518 -2.24 6.44 5.88
C GLY A 518 -1.09 6.96 6.77
N THR A 519 -0.02 6.18 6.89
CA THR A 519 1.09 6.50 7.82
C THR A 519 2.18 7.39 7.20
N MET A 520 2.26 8.66 7.58
CA MET A 520 3.42 9.48 7.21
C MET A 520 4.69 8.77 7.71
N GLY A 521 5.77 8.82 6.91
CA GLY A 521 7.03 8.17 7.25
C GLY A 521 7.21 6.79 6.60
N TYR A 522 6.15 6.30 5.97
CA TYR A 522 6.15 5.00 5.32
C TYR A 522 7.10 4.91 4.13
N GLY A 523 7.23 6.02 3.42
CA GLY A 523 7.82 5.99 2.09
C GLY A 523 9.25 5.49 2.02
N LEU A 524 10.11 6.00 2.90
CA LEU A 524 11.53 5.66 2.84
C LEU A 524 11.77 4.19 3.27
N PRO A 525 11.25 3.79 4.45
CA PRO A 525 11.48 2.37 4.79
C PRO A 525 10.77 1.42 3.82
N ALA A 526 9.57 1.72 3.35
CA ALA A 526 8.95 0.84 2.33
C ALA A 526 9.82 0.68 1.12
N ALA A 527 10.43 1.77 0.66
CA ALA A 527 11.32 1.73 -0.50
C ALA A 527 12.51 0.81 -0.26
N ILE A 528 13.13 0.92 0.91
CA ILE A 528 14.23 0.03 1.24
C ILE A 528 13.79 -1.43 1.18
N GLY A 529 12.66 -1.74 1.80
CA GLY A 529 12.13 -3.11 1.75
C GLY A 529 11.82 -3.58 0.32
N ALA A 530 11.20 -2.71 -0.48
CA ALA A 530 10.94 -3.07 -1.88
C ALA A 530 12.25 -3.25 -2.67
N GLN A 531 13.26 -2.44 -2.36
CA GLN A 531 14.50 -2.51 -3.10
C GLN A 531 15.23 -3.82 -2.79
N VAL A 532 15.09 -4.27 -1.55
CA VAL A 532 15.69 -5.54 -1.14
C VAL A 532 14.97 -6.71 -1.82
N ALA A 533 13.64 -6.62 -1.89
CA ALA A 533 12.85 -7.63 -2.59
C ALA A 533 13.20 -7.69 -4.07
N LYS A 534 13.43 -6.53 -4.67
CA LYS A 534 13.64 -6.41 -6.12
C LYS A 534 14.95 -5.66 -6.39
N PRO A 535 16.10 -6.32 -6.20
CA PRO A 535 17.35 -5.56 -6.28
C PRO A 535 17.71 -5.00 -7.67
N ASP A 536 17.10 -5.47 -8.74
CA ASP A 536 17.36 -4.92 -10.07
C ASP A 536 16.33 -3.86 -10.49
N ALA A 537 15.37 -3.54 -9.62
CA ALA A 537 14.38 -2.51 -9.92
C ALA A 537 14.89 -1.11 -9.60
N ILE A 538 14.37 -0.11 -10.32
CA ILE A 538 14.43 1.27 -9.88
C ILE A 538 13.32 1.46 -8.86
N VAL A 539 13.69 1.91 -7.66
CA VAL A 539 12.69 2.13 -6.62
C VAL A 539 12.72 3.58 -6.23
N ILE A 540 11.57 4.24 -6.37
CA ILE A 540 11.49 5.68 -6.14
C ILE A 540 10.53 5.96 -5.02
N ASP A 541 11.02 6.63 -3.97
CA ASP A 541 10.15 7.09 -2.88
C ASP A 541 9.78 8.53 -3.21
N ILE A 542 8.54 8.72 -3.62
CA ILE A 542 8.03 10.07 -3.80
C ILE A 542 7.50 10.54 -2.46
N ASP A 543 8.17 11.51 -1.84
CA ASP A 543 7.91 11.76 -0.42
C ASP A 543 7.56 13.21 -0.15
N GLY A 544 6.83 13.47 0.95
CA GLY A 544 6.58 14.84 1.33
C GLY A 544 7.66 15.23 2.32
N ASP A 545 7.90 16.53 2.49
CA ASP A 545 8.96 16.94 3.42
C ASP A 545 8.56 16.60 4.88
N ALA A 546 7.30 16.79 5.26
CA ALA A 546 6.91 16.45 6.64
C ALA A 546 6.93 14.93 6.87
N SER A 547 6.44 14.18 5.88
CA SER A 547 6.51 12.70 5.94
C SER A 547 7.94 12.20 6.03
N PHE A 548 8.81 12.74 5.16
CA PHE A 548 10.20 12.34 5.14
C PHE A 548 10.87 12.61 6.51
N ASN A 549 10.55 13.72 7.13
CA ASN A 549 11.08 14.04 8.43
C ASN A 549 10.78 13.00 9.49
N MET A 550 9.66 12.32 9.36
CA MET A 550 9.28 11.34 10.34
C MET A 550 10.26 10.20 10.53
N THR A 551 10.82 9.70 9.46
CA THR A 551 11.69 8.56 9.53
C THR A 551 13.01 8.66 8.76
N LEU A 552 13.52 9.87 8.61
CA LEU A 552 14.69 10.11 7.74
C LEU A 552 15.97 9.44 8.27
N THR A 553 15.96 9.00 9.53
CA THR A 553 17.14 8.34 10.07
C THR A 553 17.40 7.05 9.28
N GLU A 554 16.39 6.50 8.60
CA GLU A 554 16.59 5.23 7.89
C GLU A 554 17.44 5.36 6.61
N LEU A 555 17.83 6.57 6.25
CA LEU A 555 18.77 6.74 5.15
C LEU A 555 20.06 5.91 5.40
N SER A 556 20.58 5.92 6.63
CA SER A 556 21.76 5.12 6.98
CA SER A 556 21.79 5.15 6.87
C SER A 556 21.48 3.65 6.73
N SER A 557 20.25 3.25 7.02
CA SER A 557 19.88 1.85 6.83
C SER A 557 19.95 1.42 5.37
N ALA A 558 19.57 2.31 4.46
CA ALA A 558 19.61 1.98 3.03
C ALA A 558 21.06 1.76 2.62
N VAL A 559 21.96 2.61 3.08
CA VAL A 559 23.36 2.47 2.74
C VAL A 559 23.89 1.14 3.28
N GLN A 560 23.60 0.86 4.54
CA GLN A 560 24.13 -0.35 5.17
C GLN A 560 23.57 -1.62 4.52
N ALA A 561 22.33 -1.57 4.07
CA ALA A 561 21.70 -2.70 3.38
C ALA A 561 22.09 -2.85 1.91
N GLY A 562 22.79 -1.87 1.35
CA GLY A 562 23.10 -1.89 -0.08
C GLY A 562 21.88 -1.72 -1.00
N ALA A 563 20.93 -0.90 -0.59
CA ALA A 563 19.70 -0.69 -1.31
C ALA A 563 19.75 0.68 -2.01
N PRO A 564 19.95 0.72 -3.34
CA PRO A 564 20.15 2.04 -3.98
C PRO A 564 18.86 2.80 -4.29
N ILE A 565 18.08 3.06 -3.25
CA ILE A 565 16.79 3.70 -3.42
C ILE A 565 16.93 5.14 -3.91
N LYS A 566 15.84 5.68 -4.43
CA LYS A 566 15.83 7.02 -4.98
C LYS A 566 14.72 7.77 -4.30
N VAL A 567 15.10 8.70 -3.40
CA VAL A 567 14.13 9.47 -2.64
C VAL A 567 13.98 10.84 -3.26
N CYS A 568 12.74 11.21 -3.60
CA CYS A 568 12.44 12.54 -4.10
C CYS A 568 11.56 13.24 -3.06
N VAL A 569 12.10 14.23 -2.38
CA VAL A 569 11.32 15.01 -1.42
C VAL A 569 10.68 16.21 -2.11
N LEU A 570 9.35 16.24 -2.12
CA LEU A 570 8.66 17.43 -2.64
C LEU A 570 8.60 18.41 -1.51
N ASN A 571 9.49 19.38 -1.56
CA ASN A 571 9.59 20.32 -0.47
C ASN A 571 8.73 21.57 -0.67
N ASN A 572 7.52 21.54 -0.11
CA ASN A 572 6.65 22.73 -0.08
C ASN A 572 6.70 23.41 1.30
N GLU A 573 7.59 22.91 2.16
CA GLU A 573 7.73 23.46 3.52
C GLU A 573 6.43 23.54 4.31
N GLU A 574 5.55 22.56 4.11
CA GLU A 574 4.26 22.57 4.78
C GLU A 574 3.75 21.13 4.80
N GLN A 575 2.85 20.87 5.74
CA GLN A 575 2.02 19.67 5.75
C GLN A 575 0.87 19.99 4.77
N GLY A 576 1.13 19.84 3.47
CA GLY A 576 0.26 20.40 2.43
C GLY A 576 -1.16 19.88 2.47
N MET A 577 -1.34 18.60 2.80
CA MET A 577 -2.69 18.04 2.78
CA MET A 577 -2.67 18.02 2.81
C MET A 577 -3.52 18.65 3.91
N VAL A 578 -2.89 18.93 5.04
CA VAL A 578 -3.61 19.57 6.12
C VAL A 578 -3.83 21.05 5.82
N THR A 579 -2.86 21.74 5.22
CA THR A 579 -3.07 23.16 4.90
C THR A 579 -4.15 23.27 3.82
N GLN A 580 -4.26 22.24 2.97
CA GLN A 580 -5.33 22.23 1.96
C GLN A 580 -6.70 22.28 2.66
N TRP A 581 -6.88 21.44 3.68
CA TRP A 581 -8.14 21.45 4.43
C TRP A 581 -8.32 22.76 5.24
N GLN A 582 -7.22 23.32 5.72
CA GLN A 582 -7.33 24.53 6.53
C GLN A 582 -7.69 25.71 5.65
N SER A 583 -7.17 25.72 4.42
CA SER A 583 -7.52 26.74 3.42
C SER A 583 -9.00 26.66 3.06
N LEU A 584 -9.47 25.44 2.81
CA LEU A 584 -10.83 25.22 2.30
C LEU A 584 -11.87 25.35 3.39
N PHE A 585 -11.58 24.79 4.58
CA PHE A 585 -12.65 24.68 5.58
C PHE A 585 -12.41 25.50 6.83
N TYR A 586 -11.22 26.07 7.01
CA TYR A 586 -10.96 26.83 8.24
C TYR A 586 -10.40 28.22 7.93
N GLU A 587 -10.82 28.76 6.78
CA GLU A 587 -10.55 30.16 6.43
C GLU A 587 -9.08 30.53 6.56
N HIS A 588 -8.22 29.64 6.05
CA HIS A 588 -6.79 29.89 5.97
C HIS A 588 -6.15 30.10 7.36
N ARG A 589 -6.69 29.40 8.35
CA ARG A 589 -6.09 29.39 9.68
CA ARG A 589 -6.09 29.38 9.68
C ARG A 589 -5.14 28.18 9.79
N TYR A 590 -3.85 28.42 9.54
CA TYR A 590 -2.90 27.32 9.51
C TYR A 590 -2.39 27.06 10.91
N SER A 591 -3.09 26.15 11.60
CA SER A 591 -2.76 25.82 12.97
C SER A 591 -1.72 24.71 13.05
N HIS A 592 -0.48 25.09 13.35
CA HIS A 592 0.65 24.18 13.54
C HIS A 592 0.92 23.19 12.40
N THR A 593 0.89 23.68 11.17
CA THR A 593 1.09 22.80 10.02
C THR A 593 2.34 23.17 9.19
N HIS A 594 3.25 23.91 9.82
CA HIS A 594 4.51 24.26 9.17
CA HIS A 594 4.51 24.26 9.17
C HIS A 594 5.69 23.88 10.06
N GLN A 595 6.21 22.66 9.86
CA GLN A 595 7.37 22.16 10.58
C GLN A 595 8.61 22.68 9.83
N SER A 596 9.64 23.04 10.59
CA SER A 596 10.91 23.47 9.98
C SER A 596 11.66 22.23 9.43
N ASN A 597 12.32 22.39 8.30
CA ASN A 597 13.05 21.27 7.66
C ASN A 597 14.55 21.37 7.86
N PRO A 598 15.23 20.22 7.94
CA PRO A 598 16.69 20.31 7.86
C PRO A 598 17.16 20.71 6.44
N ASP A 599 18.44 21.03 6.33
CA ASP A 599 19.10 21.19 5.02
C ASP A 599 19.21 19.79 4.43
N PHE A 600 18.41 19.47 3.43
CA PHE A 600 18.35 18.08 2.96
C PHE A 600 19.63 17.67 2.25
N MET A 601 20.35 18.62 1.65
CA MET A 601 21.62 18.28 1.00
C MET A 601 22.71 17.94 2.04
N LYS A 602 22.78 18.70 3.13
CA LYS A 602 23.75 18.37 4.20
C LYS A 602 23.34 17.08 4.90
N LEU A 603 22.04 16.86 5.04
CA LEU A 603 21.57 15.63 5.64
C LEU A 603 22.00 14.42 4.82
N ALA A 604 21.80 14.48 3.50
CA ALA A 604 22.20 13.39 2.60
C ALA A 604 23.71 13.12 2.74
N GLU A 605 24.48 14.19 2.72
CA GLU A 605 25.91 14.08 2.90
C GLU A 605 26.26 13.38 4.23
N SER A 606 25.55 13.74 5.31
CA SER A 606 25.85 13.17 6.62
C SER A 606 25.53 11.68 6.64
N MET A 607 24.58 11.25 5.81
CA MET A 607 24.13 9.86 5.77
C MET A 607 24.90 9.03 4.73
N ASN A 608 25.87 9.67 4.08
CA ASN A 608 26.65 9.06 3.00
C ASN A 608 25.77 8.70 1.76
N VAL A 609 24.83 9.59 1.45
CA VAL A 609 23.90 9.41 0.33
C VAL A 609 24.13 10.59 -0.65
N LYS A 610 24.08 10.32 -1.96
CA LYS A 610 24.18 11.38 -2.97
C LYS A 610 23.04 12.35 -2.80
N GLY A 611 23.31 13.65 -2.95
CA GLY A 611 22.24 14.63 -2.86
C GLY A 611 22.12 15.49 -4.11
N ILE A 612 20.89 15.73 -4.54
CA ILE A 612 20.62 16.64 -5.67
C ILE A 612 19.54 17.62 -5.24
N ARG A 613 19.68 18.90 -5.59
CA ARG A 613 18.64 19.87 -5.26
C ARG A 613 18.17 20.60 -6.51
N ILE A 614 16.89 20.54 -6.79
CA ILE A 614 16.29 21.26 -7.91
C ILE A 614 15.50 22.46 -7.35
N THR A 615 15.93 23.67 -7.69
CA THR A 615 15.31 24.85 -7.11
C THR A 615 14.50 25.67 -8.10
N ASN A 616 14.68 25.46 -9.41
CA ASN A 616 13.95 26.24 -10.39
C ASN A 616 13.56 25.40 -11.61
N GLN A 617 12.68 25.94 -12.45
CA GLN A 617 12.14 25.24 -13.61
C GLN A 617 13.23 24.74 -14.55
N GLN A 618 14.27 25.55 -14.70
CA GLN A 618 15.32 25.24 -15.67
C GLN A 618 16.24 24.10 -15.21
N GLU A 619 16.09 23.64 -13.97
CA GLU A 619 16.90 22.54 -13.45
C GLU A 619 16.11 21.22 -13.42
N LEU A 620 14.81 21.27 -13.71
CA LEU A 620 13.94 20.10 -13.50
C LEU A 620 14.39 18.90 -14.32
N LYS A 621 14.52 19.07 -15.63
CA LYS A 621 14.80 17.93 -16.51
C LYS A 621 16.14 17.27 -16.21
N SER A 622 17.20 18.07 -16.22
CA SER A 622 18.55 17.55 -15.99
C SER A 622 18.70 17.01 -14.57
N GLY A 623 18.01 17.61 -13.61
CA GLY A 623 18.10 17.15 -12.24
C GLY A 623 17.41 15.81 -12.04
N VAL A 624 16.25 15.64 -12.66
CA VAL A 624 15.55 14.37 -12.59
C VAL A 624 16.37 13.29 -13.32
N LYS A 625 17.05 13.65 -14.40
CA LYS A 625 17.87 12.66 -15.12
CA LYS A 625 17.87 12.66 -15.12
C LYS A 625 19.04 12.20 -14.27
N GLU A 626 19.68 13.14 -13.57
CA GLU A 626 20.81 12.79 -12.71
C GLU A 626 20.36 11.86 -11.60
N PHE A 627 19.16 12.13 -11.10
CA PHE A 627 18.50 11.36 -10.05
C PHE A 627 18.29 9.91 -10.47
N LEU A 628 17.68 9.74 -11.64
CA LEU A 628 17.39 8.42 -12.16
C LEU A 628 18.65 7.69 -12.67
N ASP A 629 19.61 8.43 -13.21
CA ASP A 629 20.88 7.82 -13.65
C ASP A 629 21.78 7.32 -12.50
N ALA A 630 21.56 7.80 -11.27
CA ALA A 630 22.43 7.43 -10.15
C ALA A 630 22.42 5.93 -9.90
N THR A 631 23.56 5.36 -9.51
CA THR A 631 23.62 3.94 -9.22
C THR A 631 23.87 3.68 -7.75
N GLU A 632 23.61 4.68 -6.93
CA GLU A 632 23.81 4.61 -5.50
C GLU A 632 22.57 5.21 -4.85
N PRO A 633 22.38 5.04 -3.54
CA PRO A 633 21.24 5.72 -2.92
C PRO A 633 21.33 7.23 -3.17
N VAL A 634 20.19 7.88 -3.38
CA VAL A 634 20.25 9.29 -3.74
C VAL A 634 19.02 10.00 -3.19
N LEU A 635 19.22 11.21 -2.65
CA LEU A 635 18.13 12.04 -2.17
C LEU A 635 18.03 13.25 -3.09
N LEU A 636 16.88 13.40 -3.74
CA LEU A 636 16.59 14.55 -4.56
C LEU A 636 15.64 15.44 -3.78
N GLU A 637 16.01 16.70 -3.55
CA GLU A 637 15.05 17.67 -3.01
C GLU A 637 14.52 18.57 -4.14
N VAL A 638 13.21 18.74 -4.24
CA VAL A 638 12.67 19.66 -5.26
C VAL A 638 11.86 20.74 -4.55
N ILE A 639 12.23 22.01 -4.75
CA ILE A 639 11.44 23.12 -4.25
C ILE A 639 10.17 23.24 -5.11
N VAL A 640 8.99 23.11 -4.53
CA VAL A 640 7.77 23.18 -5.32
C VAL A 640 6.82 24.24 -4.77
N GLU A 641 5.85 24.62 -5.61
CA GLU A 641 4.83 25.61 -5.26
C GLU A 641 4.11 25.21 -3.99
N LYS A 642 3.90 26.18 -3.12
CA LYS A 642 3.19 26.02 -1.85
C LYS A 642 1.72 26.39 -1.96
N LYS A 643 0.90 25.88 -1.03
CA LYS A 643 -0.53 26.23 -0.94
C LYS A 643 -1.25 26.02 -2.28
N VAL A 644 -1.09 24.84 -2.86
CA VAL A 644 -1.84 24.48 -4.05
C VAL A 644 -2.63 23.21 -3.73
N PRO A 645 -3.94 23.23 -3.98
CA PRO A 645 -4.76 22.07 -3.63
C PRO A 645 -4.67 20.93 -4.63
N VAL A 646 -4.84 19.71 -4.14
CA VAL A 646 -5.05 18.54 -4.96
C VAL A 646 -6.49 18.57 -5.46
N LEU A 647 -6.66 18.63 -6.77
CA LEU A 647 -7.98 18.58 -7.40
C LEU A 647 -7.93 17.52 -8.50
N PRO A 648 -9.06 16.91 -8.84
CA PRO A 648 -10.41 17.09 -8.30
C PRO A 648 -10.51 16.68 -6.84
N MET A 649 -11.58 17.11 -6.19
CA MET A 649 -11.82 16.72 -4.80
C MET A 649 -13.31 16.57 -4.58
N VAL A 650 -13.69 15.42 -4.04
CA VAL A 650 -15.06 15.19 -3.57
C VAL A 650 -15.06 15.46 -2.07
N PRO A 651 -15.60 16.62 -1.67
CA PRO A 651 -15.55 16.94 -0.24
C PRO A 651 -16.38 15.97 0.59
N ALA A 652 -16.03 15.82 1.85
CA ALA A 652 -16.75 14.93 2.74
C ALA A 652 -18.25 15.23 2.76
N GLY A 653 -19.06 14.17 2.72
CA GLY A 653 -20.50 14.36 2.70
C GLY A 653 -21.09 14.45 1.30
N LYS A 654 -20.25 14.70 0.28
CA LYS A 654 -20.78 14.86 -1.08
C LYS A 654 -20.83 13.53 -1.87
N ALA A 655 -21.75 13.43 -2.82
CA ALA A 655 -21.78 12.31 -3.76
C ALA A 655 -20.50 12.28 -4.60
N LEU A 656 -20.09 11.09 -5.03
CA LEU A 656 -18.92 10.92 -5.90
C LEU A 656 -18.89 11.80 -7.14
N ASP A 657 -20.05 12.15 -7.70
CA ASP A 657 -20.09 13.01 -8.87
C ASP A 657 -20.37 14.47 -8.53
N ASP A 658 -20.16 14.84 -7.28
CA ASP A 658 -20.33 16.22 -6.81
C ASP A 658 -18.96 16.75 -6.40
N PHE A 659 -18.08 16.93 -7.38
CA PHE A 659 -16.66 17.18 -7.13
C PHE A 659 -16.29 18.65 -7.39
N ILE A 660 -15.24 19.10 -6.73
CA ILE A 660 -14.58 20.36 -7.06
C ILE A 660 -13.55 20.09 -8.16
N LEU A 661 -13.56 20.90 -9.22
CA LEU A 661 -12.62 20.79 -10.32
C LEU A 661 -11.67 21.98 -10.30
N TRP A 662 -10.52 21.84 -10.95
CA TRP A 662 -9.59 22.95 -11.04
C TRP A 662 -10.16 24.06 -11.90
N ASP A 663 -10.02 25.30 -11.45
CA ASP A 663 -10.39 26.48 -12.24
C ASP A 663 -9.34 27.56 -12.04
N ALA A 664 -8.81 28.12 -13.14
CA ALA A 664 -7.67 29.05 -13.03
C ALA A 664 -8.03 30.31 -12.25
N GLU A 665 -9.20 30.85 -12.53
CA GLU A 665 -9.65 32.08 -11.91
C GLU A 665 -9.93 31.88 -10.43
N VAL A 666 -10.55 30.75 -10.12
CA VAL A 666 -10.80 30.40 -8.74
C VAL A 666 -9.49 30.31 -7.97
N GLU A 667 -8.46 29.72 -8.58
CA GLU A 667 -7.19 29.55 -7.87
C GLU A 667 -6.58 30.92 -7.58
N LYS A 668 -6.67 31.80 -8.57
CA LYS A 668 -6.17 33.16 -8.45
C LYS A 668 -6.87 33.92 -7.31
N GLN A 669 -8.19 33.79 -7.24
CA GLN A 669 -8.97 34.43 -6.18
C GLN A 669 -8.59 33.86 -4.82
N GLN A 670 -8.41 32.54 -4.77
CA GLN A 670 -8.05 31.87 -3.53
C GLN A 670 -6.69 32.37 -3.03
N ASN A 671 -5.75 32.56 -3.96
CA ASN A 671 -4.42 33.08 -3.61
C ASN A 671 -4.52 34.48 -3.00
N ASP A 672 -5.34 35.33 -3.61
CA ASP A 672 -5.53 36.70 -3.15
C ASP A 672 -6.17 36.72 -1.78
N LEU A 673 -7.15 35.84 -1.59
CA LEU A 673 -7.84 35.75 -0.31
C LEU A 673 -6.89 35.23 0.78
N ARG A 674 -6.09 34.22 0.46
CA ARG A 674 -5.12 33.70 1.42
C ARG A 674 -4.12 34.79 1.83
N LYS A 675 -3.65 35.55 0.84
CA LYS A 675 -2.67 36.59 1.09
C LYS A 675 -3.26 37.67 2.01
N GLU A 676 -4.49 38.07 1.72
CA GLU A 676 -5.14 39.07 2.55
C GLU A 676 -5.36 38.56 3.98
N ARG A 677 -5.91 37.36 4.12
CA ARG A 677 -6.20 36.80 5.44
C ARG A 677 -4.96 36.54 6.28
N THR A 678 -3.81 36.29 5.65
CA THR A 678 -2.63 35.92 6.46
C THR A 678 -1.66 37.09 6.55
N GLY A 679 -2.11 38.26 6.14
CA GLY A 679 -1.28 39.45 6.15
C GLY A 679 -0.06 39.31 5.27
N GLY A 680 -0.16 38.45 4.25
CA GLY A 680 0.91 38.27 3.28
C GLY A 680 1.91 37.20 3.68
N LYS A 681 1.65 36.50 4.77
CA LYS A 681 2.56 35.45 5.22
C LYS A 681 2.48 34.18 4.33
N TYR A 682 1.35 33.93 3.67
CA TYR A 682 1.15 32.68 2.92
C TYR A 682 0.52 32.86 1.53
#